data_4MPS
#
_entry.id   4MPS
#
_cell.length_a   134.720
_cell.length_b   49.754
_cell.length_c   86.063
_cell.angle_alpha   90.00
_cell.angle_beta   92.30
_cell.angle_gamma   90.00
#
_symmetry.space_group_name_H-M   'C 1 2 1'
#
loop_
_entity.id
_entity.type
_entity.pdbx_description
1 polymer 'Beta-galactoside alpha-2,6-sialyltransferase 1'
2 non-polymer 2-acetamido-2-deoxy-beta-D-glucopyranose
3 water water
#
_entity_poly.entity_id   1
_entity_poly.type   'polypeptide(L)'
_entity_poly.pdbx_seq_one_letter_code
;(MSE)KDSTYSKLNPRLLKIWRNYLN(MSE)NKYKVSYKGPGPGVKFSVEALRCHLRDHVNVS(MSE)IEATDFPFNTTE
WEGYLPKENFRTKVGPWQRCAVVSSAGSLKNSQLGREIDNHDAVLRFNGAPTDNFQQDVGSKTTIRL(MSE)NSQLVTTE
KRFLKDSLYTEGILIVWDPSVYHADIPKWYQKPDYNFFETYKSYRRLNPSQPFYILKPQ(MSE)PWELWDIIQEISADLI
QPNPPSSG(MSE)LGIII(MSE)(MSE)TLCDQVDIYEFLPSKRKTDVCYYHQKFFDSACT(MSE)GAYHPLLFEKN
(MSE)VKHLNEGTDEDIYLFGKATLSGFRNIRC
;
_entity_poly.pdbx_strand_id   A,B
#
loop_
_chem_comp.id
_chem_comp.type
_chem_comp.name
_chem_comp.formula
NAG D-saccharide, beta linking 2-acetamido-2-deoxy-beta-D-glucopyranose 'C8 H15 N O6'
#
# COMPACT_ATOMS: atom_id res chain seq x y z
N PRO A 11 -11.02 -18.69 10.91
CA PRO A 11 -10.69 -18.22 9.55
C PRO A 11 -9.34 -17.53 9.52
N ARG A 12 -9.23 -16.53 8.67
CA ARG A 12 -7.98 -15.77 8.54
C ARG A 12 -8.23 -14.31 8.95
N LEU A 13 -9.36 -14.08 9.61
CA LEU A 13 -9.75 -12.75 10.07
C LEU A 13 -9.08 -12.46 11.42
N LEU A 14 -8.20 -13.35 11.83
CA LEU A 14 -7.46 -13.19 13.08
C LEU A 14 -6.67 -11.91 12.94
N LYS A 15 -6.41 -11.55 11.68
CA LYS A 15 -5.67 -10.35 11.32
C LYS A 15 -6.43 -9.11 11.77
N ILE A 16 -7.76 -9.17 11.67
CA ILE A 16 -8.57 -8.05 12.09
C ILE A 16 -8.61 -7.91 13.61
N TRP A 17 -8.77 -9.04 14.29
CA TRP A 17 -8.82 -9.02 15.74
C TRP A 17 -7.45 -8.70 16.31
N ARG A 18 -6.40 -9.11 15.59
CA ARG A 18 -5.03 -8.83 16.00
C ARG A 18 -4.86 -7.31 15.90
N ASN A 19 -5.50 -6.74 14.89
CA ASN A 19 -5.44 -5.31 14.62
C ASN A 19 -6.07 -4.54 15.79
N TYR A 20 -7.16 -5.08 16.35
CA TYR A 20 -7.83 -4.42 17.46
C TYR A 20 -7.07 -4.50 18.79
N LEU A 21 -6.38 -5.60 19.05
CA LEU A 21 -5.70 -5.67 20.33
C LEU A 21 -4.41 -4.86 20.43
N ASN A 22 -3.65 -4.75 19.34
CA ASN A 22 -2.42 -3.96 19.43
C ASN A 22 -2.06 -3.07 18.24
N MSE A 23 -3.03 -2.79 17.38
CA MSE A 23 -2.79 -1.94 16.22
C MSE A 23 -4.00 -1.15 15.76
O MSE A 23 -4.21 -0.94 14.57
CB MSE A 23 -2.26 -2.75 15.04
CG MSE A 23 -0.89 -3.30 15.28
SE MSE A 23 -0.13 -3.86 13.64
CE MSE A 23 -1.06 -5.54 13.46
N ASN A 24 -4.80 -0.72 16.72
CA ASN A 24 -5.99 0.05 16.38
C ASN A 24 -5.59 1.51 16.12
N LYS A 25 -4.89 1.74 15.01
CA LYS A 25 -4.41 3.07 14.66
C LYS A 25 -5.44 4.20 14.74
N TYR A 26 -6.70 3.90 14.42
CA TYR A 26 -7.72 4.93 14.45
C TYR A 26 -8.64 4.82 15.65
N LYS A 27 -8.32 3.90 16.56
CA LYS A 27 -9.12 3.73 17.75
C LYS A 27 -10.60 3.58 17.41
N VAL A 28 -10.94 2.61 16.57
CA VAL A 28 -12.32 2.38 16.19
C VAL A 28 -13.05 1.63 17.30
N SER A 29 -14.19 2.15 17.73
CA SER A 29 -15.01 1.54 18.79
C SER A 29 -16.43 1.46 18.26
N TYR A 30 -16.73 0.40 17.52
CA TYR A 30 -18.07 0.29 16.95
C TYR A 30 -19.15 -0.07 17.96
N LYS A 31 -20.11 0.83 18.12
CA LYS A 31 -21.21 0.59 19.05
C LYS A 31 -22.57 0.41 18.39
N GLY A 32 -22.60 0.39 17.06
CA GLY A 32 -23.87 0.23 16.35
C GLY A 32 -24.41 -1.18 16.35
N PRO A 33 -25.53 -1.42 15.64
CA PRO A 33 -26.15 -2.76 15.58
C PRO A 33 -25.11 -3.77 15.10
N GLY A 34 -24.79 -4.73 15.97
CA GLY A 34 -23.81 -5.75 15.65
C GLY A 34 -23.90 -6.12 14.19
N PRO A 35 -22.78 -6.52 13.56
CA PRO A 35 -22.74 -6.89 12.14
C PRO A 35 -23.78 -7.94 11.78
N GLY A 36 -24.20 -7.94 10.52
CA GLY A 36 -25.18 -8.90 10.05
C GLY A 36 -26.61 -8.41 9.89
N VAL A 37 -26.86 -7.14 10.20
CA VAL A 37 -28.20 -6.61 10.08
C VAL A 37 -28.67 -6.70 8.64
N LYS A 38 -29.82 -7.34 8.44
CA LYS A 38 -30.42 -7.51 7.12
C LYS A 38 -31.18 -6.26 6.70
N PHE A 39 -30.92 -5.81 5.47
CA PHE A 39 -31.54 -4.60 4.93
C PHE A 39 -32.07 -4.86 3.53
N SER A 40 -33.29 -4.43 3.24
CA SER A 40 -33.81 -4.59 1.89
C SER A 40 -33.04 -3.52 1.13
N VAL A 41 -33.10 -3.54 -0.20
CA VAL A 41 -32.38 -2.56 -0.99
C VAL A 41 -32.81 -1.12 -0.71
N GLU A 42 -34.12 -0.87 -0.69
CA GLU A 42 -34.56 0.48 -0.44
C GLU A 42 -34.21 0.99 0.97
N ALA A 43 -34.29 0.13 1.97
CA ALA A 43 -33.97 0.54 3.34
C ALA A 43 -32.49 0.93 3.45
N LEU A 44 -31.61 0.09 2.92
CA LEU A 44 -30.18 0.36 2.96
C LEU A 44 -29.88 1.71 2.30
N ARG A 45 -30.60 1.99 1.23
CA ARG A 45 -30.42 3.24 0.48
C ARG A 45 -30.81 4.45 1.33
N CYS A 46 -31.90 4.33 2.08
CA CYS A 46 -32.37 5.42 2.95
C CYS A 46 -31.44 5.61 4.14
N HIS A 47 -30.99 4.50 4.72
CA HIS A 47 -30.07 4.51 5.86
C HIS A 47 -28.81 5.25 5.41
N LEU A 48 -28.27 4.86 4.27
CA LEU A 48 -27.09 5.48 3.70
C LEU A 48 -27.32 6.98 3.46
N ARG A 49 -28.53 7.31 3.01
CA ARG A 49 -28.88 8.70 2.74
C ARG A 49 -29.00 9.54 4.00
N ASP A 50 -29.63 8.99 5.03
CA ASP A 50 -29.83 9.76 6.24
C ASP A 50 -28.66 9.79 7.22
N HIS A 51 -27.81 8.77 7.20
CA HIS A 51 -26.74 8.71 8.17
C HIS A 51 -25.30 8.84 7.71
N VAL A 52 -25.10 9.14 6.43
CA VAL A 52 -23.76 9.36 5.93
C VAL A 52 -23.82 10.77 5.42
N ASN A 53 -23.40 11.69 6.26
CA ASN A 53 -23.45 13.09 5.91
C ASN A 53 -22.26 13.53 5.08
N VAL A 54 -22.46 13.55 3.77
CA VAL A 54 -21.41 13.95 2.86
C VAL A 54 -21.40 15.47 2.69
N SER A 55 -20.50 16.11 3.43
CA SER A 55 -20.32 17.55 3.40
C SER A 55 -18.83 17.85 3.45
N MSE A 56 -18.49 19.10 3.17
CA MSE A 56 -17.10 19.53 3.17
C MSE A 56 -16.84 20.37 4.40
O MSE A 56 -17.78 20.82 5.07
CB MSE A 56 -16.81 20.35 1.91
CG MSE A 56 -17.20 19.65 0.63
SE MSE A 56 -16.37 17.89 0.46
CE MSE A 56 -17.97 16.80 0.38
N ILE A 57 -15.57 20.60 4.71
CA ILE A 57 -15.21 21.43 5.85
C ILE A 57 -15.54 22.87 5.48
N GLU A 58 -16.31 23.55 6.32
CA GLU A 58 -16.67 24.95 6.04
C GLU A 58 -15.70 25.90 6.75
N ALA A 59 -15.75 27.18 6.37
CA ALA A 59 -14.89 28.20 6.97
C ALA A 59 -15.33 28.55 8.39
N THR A 60 -16.48 28.05 8.81
CA THR A 60 -16.94 28.32 10.17
C THR A 60 -16.49 27.21 11.11
N ASP A 61 -15.77 26.23 10.57
CA ASP A 61 -15.26 25.11 11.35
C ASP A 61 -13.86 25.38 11.88
N PHE A 62 -13.75 25.63 13.18
CA PHE A 62 -12.45 25.89 13.79
C PHE A 62 -11.53 24.70 13.52
N PRO A 63 -10.23 24.96 13.27
CA PRO A 63 -9.55 26.25 13.23
C PRO A 63 -9.55 26.92 11.85
N PHE A 64 -10.46 26.49 10.98
CA PHE A 64 -10.56 27.05 9.64
C PHE A 64 -11.24 28.42 9.64
N ASN A 65 -11.61 28.88 10.83
CA ASN A 65 -12.22 30.18 10.98
C ASN A 65 -11.20 31.15 11.52
N THR A 66 -9.95 30.73 11.59
CA THR A 66 -8.88 31.58 12.11
C THR A 66 -8.18 32.33 10.98
N THR A 67 -7.28 33.23 11.35
CA THR A 67 -6.53 34.04 10.40
C THR A 67 -5.66 33.23 9.44
N GLU A 68 -5.12 32.11 9.93
CA GLU A 68 -4.27 31.26 9.11
C GLU A 68 -5.04 30.68 7.93
N TRP A 69 -6.30 30.32 8.17
CA TRP A 69 -7.13 29.73 7.12
C TRP A 69 -8.12 30.67 6.45
N GLU A 70 -8.07 31.94 6.81
CA GLU A 70 -8.98 32.92 6.22
C GLU A 70 -8.75 33.10 4.72
N GLY A 71 -9.81 32.91 3.94
CA GLY A 71 -9.73 33.05 2.50
C GLY A 71 -9.22 31.86 1.72
N TYR A 72 -8.83 30.79 2.42
CA TYR A 72 -8.32 29.60 1.77
C TYR A 72 -9.36 28.55 1.37
N LEU A 73 -10.46 28.46 2.10
CA LEU A 73 -11.49 27.49 1.75
C LEU A 73 -12.34 28.02 0.60
N PRO A 74 -13.00 27.12 -0.15
CA PRO A 74 -13.84 27.53 -1.29
C PRO A 74 -14.82 28.63 -0.92
N LYS A 75 -15.11 29.49 -1.89
CA LYS A 75 -16.03 30.61 -1.68
C LYS A 75 -17.44 30.11 -1.41
N GLU A 76 -18.00 29.38 -2.37
CA GLU A 76 -19.36 28.89 -2.26
C GLU A 76 -19.51 27.49 -1.66
N ASN A 77 -20.68 27.26 -1.08
CA ASN A 77 -21.04 26.00 -0.46
C ASN A 77 -20.91 24.86 -1.47
N PHE A 78 -20.51 23.70 -1.01
CA PHE A 78 -20.36 22.53 -1.88
C PHE A 78 -21.65 22.19 -2.61
N ARG A 79 -22.75 22.05 -1.87
CA ARG A 79 -24.04 21.72 -2.48
C ARG A 79 -24.56 22.76 -3.46
N THR A 80 -24.34 24.03 -3.14
CA THR A 80 -24.81 25.12 -3.98
C THR A 80 -23.73 25.56 -4.97
N LYS A 81 -23.17 24.59 -5.68
CA LYS A 81 -22.12 24.86 -6.65
C LYS A 81 -21.88 23.66 -7.54
N VAL A 82 -21.67 22.51 -6.91
CA VAL A 82 -21.43 21.27 -7.65
C VAL A 82 -22.73 20.49 -7.86
N GLY A 83 -23.07 20.24 -9.12
CA GLY A 83 -24.27 19.50 -9.43
C GLY A 83 -25.56 20.21 -9.04
N PRO A 84 -26.67 19.47 -8.92
CA PRO A 84 -26.72 18.03 -9.16
C PRO A 84 -26.70 17.70 -10.65
N TRP A 85 -26.76 16.41 -10.97
CA TRP A 85 -26.75 15.96 -12.35
C TRP A 85 -27.74 14.81 -12.50
N GLN A 86 -28.07 14.45 -13.74
CA GLN A 86 -28.99 13.35 -13.99
C GLN A 86 -28.24 12.03 -14.05
N ARG A 87 -27.28 11.96 -14.97
CA ARG A 87 -26.48 10.75 -15.16
C ARG A 87 -25.00 10.99 -14.85
N CYS A 88 -24.43 10.09 -14.05
CA CYS A 88 -23.02 10.20 -13.66
C CYS A 88 -22.28 8.89 -13.75
N ALA A 89 -20.97 9.01 -13.84
CA ALA A 89 -20.11 7.84 -13.91
C ALA A 89 -18.95 7.94 -12.91
N VAL A 90 -18.63 6.82 -12.28
CA VAL A 90 -17.51 6.75 -11.35
C VAL A 90 -16.57 5.78 -12.05
N VAL A 91 -15.36 6.25 -12.35
CA VAL A 91 -14.37 5.44 -13.03
C VAL A 91 -13.22 5.13 -12.08
N SER A 92 -13.01 3.85 -11.78
CA SER A 92 -11.92 3.44 -10.90
C SER A 92 -10.64 3.52 -11.73
N SER A 93 -9.50 3.35 -11.08
CA SER A 93 -8.22 3.43 -11.77
C SER A 93 -7.67 2.04 -12.11
N ALA A 94 -8.52 1.03 -11.96
CA ALA A 94 -8.15 -0.36 -12.22
C ALA A 94 -7.66 -0.61 -13.65
N GLY A 95 -6.66 -1.47 -13.78
CA GLY A 95 -6.11 -1.79 -15.09
C GLY A 95 -7.11 -2.60 -15.89
N SER A 96 -8.17 -3.02 -15.22
CA SER A 96 -9.24 -3.80 -15.84
C SER A 96 -9.96 -2.95 -16.90
N LEU A 97 -9.61 -1.67 -16.97
CA LEU A 97 -10.19 -0.74 -17.92
C LEU A 97 -9.43 -0.72 -19.25
N LYS A 98 -8.24 -1.31 -19.25
CA LYS A 98 -7.42 -1.37 -20.47
C LYS A 98 -8.14 -2.26 -21.47
N ASN A 99 -8.29 -1.76 -22.69
CA ASN A 99 -8.95 -2.50 -23.77
C ASN A 99 -10.40 -2.79 -23.42
N SER A 100 -11.05 -1.84 -22.77
CA SER A 100 -12.45 -1.96 -22.38
C SER A 100 -13.33 -1.25 -23.38
N GLN A 101 -12.79 -0.21 -24.01
CA GLN A 101 -13.52 0.58 -24.99
C GLN A 101 -14.70 1.32 -24.38
N LEU A 102 -14.65 1.50 -23.06
CA LEU A 102 -15.73 2.19 -22.35
C LEU A 102 -15.63 3.70 -22.46
N GLY A 103 -14.54 4.18 -23.06
CA GLY A 103 -14.33 5.61 -23.22
C GLY A 103 -15.56 6.35 -23.68
N ARG A 104 -16.11 5.93 -24.81
CA ARG A 104 -17.31 6.57 -25.36
C ARG A 104 -18.43 6.59 -24.31
N GLU A 105 -18.87 5.40 -23.88
CA GLU A 105 -19.94 5.30 -22.90
C GLU A 105 -19.75 6.24 -21.71
N ILE A 106 -18.53 6.25 -21.17
CA ILE A 106 -18.19 7.08 -20.02
C ILE A 106 -18.40 8.58 -20.28
N ASP A 107 -17.99 9.06 -21.44
CA ASP A 107 -18.19 10.48 -21.71
C ASP A 107 -19.66 10.78 -21.89
N ASN A 108 -20.44 9.74 -22.15
CA ASN A 108 -21.87 9.91 -22.34
C ASN A 108 -22.60 10.00 -21.01
N HIS A 109 -22.14 10.91 -20.15
CA HIS A 109 -22.72 11.15 -18.83
C HIS A 109 -22.58 12.63 -18.56
N ASP A 110 -23.42 13.15 -17.66
CA ASP A 110 -23.37 14.56 -17.33
C ASP A 110 -22.10 14.90 -16.55
N ALA A 111 -21.79 14.07 -15.56
CA ALA A 111 -20.60 14.30 -14.74
C ALA A 111 -19.81 13.00 -14.55
N VAL A 112 -18.50 13.15 -14.44
CA VAL A 112 -17.57 12.03 -14.26
C VAL A 112 -16.66 12.29 -13.07
N LEU A 113 -16.47 11.26 -12.25
CA LEU A 113 -15.60 11.38 -11.09
C LEU A 113 -14.46 10.38 -11.22
N ARG A 114 -13.23 10.87 -11.10
CA ARG A 114 -12.03 10.05 -11.19
C ARG A 114 -11.24 10.08 -9.89
N PHE A 115 -10.22 9.24 -9.78
CA PHE A 115 -9.47 9.19 -8.53
C PHE A 115 -8.00 9.60 -8.63
N ASN A 116 -7.55 10.27 -7.57
CA ASN A 116 -6.16 10.70 -7.47
C ASN A 116 -5.59 11.26 -8.76
N GLY A 117 -4.53 10.64 -9.26
CA GLY A 117 -3.88 11.11 -10.48
C GLY A 117 -4.31 10.46 -11.78
N ALA A 118 -5.39 9.68 -11.78
CA ALA A 118 -5.87 9.00 -12.98
C ALA A 118 -5.90 9.91 -14.22
N PRO A 119 -4.99 9.71 -15.17
CA PRO A 119 -4.95 10.55 -16.37
C PRO A 119 -5.98 10.13 -17.42
N THR A 120 -6.30 11.04 -18.34
CA THR A 120 -7.25 10.72 -19.41
C THR A 120 -6.50 10.77 -20.75
N ASP A 121 -5.46 11.59 -20.81
CA ASP A 121 -4.65 11.74 -22.00
C ASP A 121 -4.11 10.39 -22.48
N ASN A 122 -4.37 10.09 -23.76
CA ASN A 122 -3.89 8.86 -24.36
C ASN A 122 -4.64 7.62 -23.87
N PHE A 123 -5.66 7.81 -23.05
CA PHE A 123 -6.45 6.70 -22.53
C PHE A 123 -7.95 6.90 -22.77
N GLN A 124 -8.30 7.95 -23.51
CA GLN A 124 -9.70 8.27 -23.76
C GLN A 124 -10.61 7.14 -24.23
N GLN A 125 -10.16 6.35 -25.19
CA GLN A 125 -10.97 5.27 -25.72
C GLN A 125 -11.41 4.25 -24.69
N ASP A 126 -10.67 4.16 -23.59
CA ASP A 126 -10.97 3.22 -22.54
C ASP A 126 -11.57 3.86 -21.29
N VAL A 127 -11.00 4.97 -20.85
CA VAL A 127 -11.46 5.62 -19.63
C VAL A 127 -12.18 6.95 -19.80
N GLY A 128 -12.40 7.36 -21.04
CA GLY A 128 -13.08 8.62 -21.28
C GLY A 128 -12.11 9.78 -21.34
N SER A 129 -12.63 10.99 -21.56
CA SER A 129 -11.78 12.16 -21.66
C SER A 129 -12.23 13.27 -20.75
N LYS A 130 -13.34 13.05 -20.06
CA LYS A 130 -13.90 14.05 -19.19
C LYS A 130 -13.62 13.79 -17.70
N THR A 131 -13.47 14.87 -16.95
CA THR A 131 -13.25 14.78 -15.51
C THR A 131 -13.98 15.94 -14.86
N THR A 132 -15.09 15.63 -14.20
CA THR A 132 -15.93 16.63 -13.53
C THR A 132 -15.48 16.86 -12.10
N ILE A 133 -15.30 15.78 -11.37
CA ILE A 133 -14.87 15.81 -9.98
C ILE A 133 -13.70 14.85 -9.83
N ARG A 134 -12.74 15.25 -9.00
CA ARG A 134 -11.54 14.47 -8.78
C ARG A 134 -11.27 14.26 -7.28
N LEU A 135 -11.51 13.03 -6.82
CA LEU A 135 -11.31 12.68 -5.41
C LEU A 135 -9.90 12.16 -5.19
N MSE A 136 -9.17 12.79 -4.29
CA MSE A 136 -7.80 12.41 -3.99
C MSE A 136 -7.53 12.14 -2.51
O MSE A 136 -8.17 12.75 -1.64
CB MSE A 136 -6.85 13.50 -4.45
CG MSE A 136 -7.18 14.07 -5.81
SE MSE A 136 -5.95 15.50 -6.17
CE MSE A 136 -6.75 16.90 -5.10
N ASN A 137 -6.58 11.25 -2.25
CA ASN A 137 -6.16 10.90 -0.89
C ASN A 137 -5.20 11.97 -0.41
N SER A 138 -5.20 12.24 0.89
CA SER A 138 -4.29 13.23 1.46
C SER A 138 -2.86 12.76 1.22
N GLN A 139 -2.67 11.45 1.05
CA GLN A 139 -1.35 10.88 0.80
C GLN A 139 -0.80 11.41 -0.52
N LEU A 140 -1.66 11.50 -1.53
CA LEU A 140 -1.24 11.98 -2.83
C LEU A 140 -0.82 13.44 -2.77
N VAL A 141 -1.73 14.32 -2.33
CA VAL A 141 -1.44 15.75 -2.28
C VAL A 141 -0.25 16.09 -1.41
N THR A 142 0.03 15.24 -0.42
CA THR A 142 1.15 15.47 0.48
C THR A 142 2.49 15.00 -0.08
N THR A 143 2.51 13.81 -0.67
CA THR A 143 3.75 13.25 -1.17
C THR A 143 4.08 13.42 -2.65
N GLU A 144 3.10 13.83 -3.45
CA GLU A 144 3.33 14.00 -4.89
C GLU A 144 3.57 15.43 -5.35
N LYS A 145 4.84 15.76 -5.58
CA LYS A 145 5.22 17.10 -6.04
C LYS A 145 4.58 17.45 -7.39
N ARG A 146 4.35 16.44 -8.22
CA ARG A 146 3.75 16.64 -9.54
C ARG A 146 2.35 17.24 -9.41
N PHE A 147 1.75 17.08 -8.24
CA PHE A 147 0.42 17.60 -8.00
C PHE A 147 0.34 19.12 -8.17
N LEU A 148 1.44 19.80 -7.86
CA LEU A 148 1.48 21.26 -7.97
C LEU A 148 1.84 21.77 -9.37
N LYS A 149 2.17 20.86 -10.28
CA LYS A 149 2.56 21.25 -11.62
C LYS A 149 1.71 20.68 -12.75
N ASP A 150 1.52 19.36 -12.74
CA ASP A 150 0.74 18.69 -13.78
C ASP A 150 -0.63 19.36 -13.99
N SER A 151 -0.92 19.75 -15.21
CA SER A 151 -2.19 20.43 -15.49
C SER A 151 -3.44 19.57 -15.41
N LEU A 152 -3.28 18.26 -15.32
CA LEU A 152 -4.45 17.40 -15.25
C LEU A 152 -5.27 17.68 -13.99
N TYR A 153 -4.62 18.16 -12.94
CA TYR A 153 -5.32 18.46 -11.70
C TYR A 153 -6.13 19.76 -11.82
N THR A 154 -5.92 20.47 -12.92
CA THR A 154 -6.60 21.74 -13.18
C THR A 154 -8.05 21.58 -13.64
N GLU A 155 -8.42 20.40 -14.13
CA GLU A 155 -9.79 20.23 -14.58
C GLU A 155 -10.79 19.89 -13.48
N GLY A 156 -12.03 20.33 -13.69
CA GLY A 156 -13.09 20.06 -12.75
C GLY A 156 -12.87 20.48 -11.31
N ILE A 157 -13.68 19.87 -10.44
CA ILE A 157 -13.64 20.14 -9.02
C ILE A 157 -12.76 19.12 -8.31
N LEU A 158 -12.03 19.59 -7.29
CA LEU A 158 -11.15 18.71 -6.53
C LEU A 158 -11.63 18.54 -5.10
N ILE A 159 -11.46 17.33 -4.58
CA ILE A 159 -11.81 17.00 -3.20
C ILE A 159 -10.69 16.12 -2.69
N VAL A 160 -10.21 16.43 -1.48
CA VAL A 160 -9.16 15.65 -0.85
C VAL A 160 -9.67 15.19 0.52
N TRP A 161 -9.33 13.97 0.92
CA TRP A 161 -9.78 13.47 2.20
C TRP A 161 -8.61 12.84 2.92
N ASP A 162 -8.69 12.86 4.24
CA ASP A 162 -7.62 12.32 5.05
C ASP A 162 -8.15 11.47 6.19
N PRO A 163 -7.70 10.21 6.28
CA PRO A 163 -8.13 9.28 7.33
C PRO A 163 -7.95 9.92 8.70
N SER A 164 -8.95 9.78 9.55
CA SER A 164 -8.88 10.36 10.87
C SER A 164 -9.23 9.33 11.94
N VAL A 165 -8.98 9.72 13.18
CA VAL A 165 -9.31 8.91 14.33
C VAL A 165 -10.83 8.78 14.33
N TYR A 166 -11.30 7.56 14.59
CA TYR A 166 -12.71 7.21 14.61
C TYR A 166 -13.64 8.31 15.13
N HIS A 167 -14.42 8.90 14.22
CA HIS A 167 -15.36 9.94 14.57
C HIS A 167 -14.74 11.14 15.29
N ALA A 168 -13.47 11.39 15.04
CA ALA A 168 -12.80 12.51 15.65
C ALA A 168 -13.42 13.80 15.13
N ASP A 169 -13.50 14.78 16.02
CA ASP A 169 -14.03 16.09 15.74
C ASP A 169 -13.07 16.77 14.74
N ILE A 170 -13.53 17.81 14.06
CA ILE A 170 -12.66 18.50 13.10
C ILE A 170 -11.41 19.02 13.82
N PRO A 171 -11.61 19.74 14.94
CA PRO A 171 -10.47 20.29 15.69
C PRO A 171 -9.52 19.20 16.18
N LYS A 172 -10.06 18.04 16.54
CA LYS A 172 -9.25 16.93 17.00
C LYS A 172 -8.45 16.34 15.85
N TRP A 173 -9.13 16.09 14.74
CA TRP A 173 -8.51 15.54 13.55
C TRP A 173 -7.39 16.46 13.08
N TYR A 174 -7.69 17.75 13.00
CA TYR A 174 -6.75 18.75 12.54
C TYR A 174 -5.38 18.68 13.21
N GLN A 175 -5.35 18.29 14.48
CA GLN A 175 -4.08 18.20 15.20
C GLN A 175 -3.35 16.91 14.85
N LYS A 176 -4.11 15.86 14.55
CA LYS A 176 -3.54 14.56 14.20
C LYS A 176 -3.98 14.04 12.83
N PRO A 177 -3.61 14.76 11.75
CA PRO A 177 -4.00 14.31 10.41
C PRO A 177 -3.15 13.11 10.00
N ASP A 178 -3.72 12.19 9.24
CA ASP A 178 -2.98 11.03 8.82
C ASP A 178 -1.78 11.46 7.98
N TYR A 179 -2.02 12.42 7.10
CA TYR A 179 -0.97 12.98 6.25
C TYR A 179 -1.13 14.48 6.39
N ASN A 180 -0.05 15.19 6.73
CA ASN A 180 -0.17 16.64 6.89
C ASN A 180 -0.05 17.31 5.53
N PHE A 181 -1.20 17.56 4.92
CA PHE A 181 -1.27 18.15 3.58
C PHE A 181 -1.69 19.62 3.54
N PHE A 182 -1.91 20.22 4.71
CA PHE A 182 -2.36 21.61 4.78
C PHE A 182 -1.55 22.65 4.01
N GLU A 183 -0.23 22.60 4.10
CA GLU A 183 0.62 23.55 3.38
C GLU A 183 0.49 23.36 1.87
N THR A 184 0.56 22.11 1.42
CA THR A 184 0.45 21.82 0.00
C THR A 184 -0.93 22.25 -0.50
N TYR A 185 -1.94 22.05 0.33
CA TYR A 185 -3.31 22.45 -0.01
C TYR A 185 -3.35 23.95 -0.21
N LYS A 186 -2.66 24.67 0.66
CA LYS A 186 -2.60 26.13 0.58
C LYS A 186 -1.91 26.62 -0.69
N SER A 187 -0.72 26.09 -0.96
CA SER A 187 0.04 26.49 -2.14
C SER A 187 -0.77 26.30 -3.41
N TYR A 188 -1.48 25.18 -3.50
CA TYR A 188 -2.28 24.90 -4.68
C TYR A 188 -3.37 25.94 -4.87
N ARG A 189 -4.04 26.29 -3.78
CA ARG A 189 -5.11 27.27 -3.83
C ARG A 189 -4.61 28.59 -4.44
N ARG A 190 -3.43 29.02 -4.03
CA ARG A 190 -2.86 30.26 -4.55
C ARG A 190 -2.62 30.16 -6.05
N LEU A 191 -2.06 29.03 -6.47
CA LEU A 191 -1.78 28.81 -7.88
C LEU A 191 -3.07 28.72 -8.69
N ASN A 192 -4.06 28.03 -8.14
CA ASN A 192 -5.33 27.86 -8.84
C ASN A 192 -6.48 28.36 -7.96
N PRO A 193 -6.52 29.68 -7.71
CA PRO A 193 -7.54 30.31 -6.89
C PRO A 193 -9.00 30.16 -7.33
N SER A 194 -9.23 29.92 -8.61
CA SER A 194 -10.60 29.80 -9.07
C SER A 194 -11.17 28.40 -9.00
N GLN A 195 -10.30 27.39 -8.99
CA GLN A 195 -10.75 26.01 -8.96
C GLN A 195 -11.25 25.54 -7.60
N PRO A 196 -12.52 25.13 -7.53
CA PRO A 196 -13.10 24.65 -6.27
C PRO A 196 -12.27 23.45 -5.81
N PHE A 197 -11.83 23.49 -4.56
CA PHE A 197 -10.99 22.44 -4.02
C PHE A 197 -11.43 22.26 -2.58
N TYR A 198 -12.26 21.24 -2.34
CA TYR A 198 -12.79 20.99 -1.00
C TYR A 198 -12.07 19.91 -0.18
N ILE A 199 -12.36 19.92 1.11
CA ILE A 199 -11.80 18.95 2.04
C ILE A 199 -12.96 18.19 2.68
N LEU A 200 -13.02 16.89 2.44
CA LEU A 200 -14.08 16.07 3.00
C LEU A 200 -14.09 16.19 4.53
N LYS A 201 -15.26 16.18 5.14
CA LYS A 201 -15.33 16.25 6.58
C LYS A 201 -14.73 14.96 7.13
N PRO A 202 -13.90 15.04 8.18
CA PRO A 202 -13.25 13.88 8.80
C PRO A 202 -14.20 12.74 9.16
N GLN A 203 -15.43 13.08 9.54
CA GLN A 203 -16.43 12.10 9.96
C GLN A 203 -17.14 11.29 8.89
N MSE A 204 -17.35 11.86 7.71
CA MSE A 204 -18.10 11.15 6.69
C MSE A 204 -17.57 9.74 6.39
O MSE A 204 -18.35 8.82 6.22
CB MSE A 204 -18.24 12.02 5.44
CG MSE A 204 -17.55 11.53 4.18
SE MSE A 204 -18.38 9.98 3.35
CE MSE A 204 -16.89 8.78 3.33
N PRO A 205 -16.25 9.56 6.33
CA PRO A 205 -15.78 8.19 6.04
C PRO A 205 -16.20 7.19 7.10
N TRP A 206 -16.12 7.61 8.37
CA TRP A 206 -16.50 6.74 9.46
C TRP A 206 -18.00 6.51 9.57
N GLU A 207 -18.80 7.49 9.14
CA GLU A 207 -20.25 7.33 9.18
C GLU A 207 -20.61 6.25 8.18
N LEU A 208 -19.89 6.22 7.06
CA LEU A 208 -20.10 5.23 6.02
C LEU A 208 -19.57 3.87 6.50
N TRP A 209 -18.39 3.89 7.11
CA TRP A 209 -17.77 2.68 7.66
C TRP A 209 -18.76 1.98 8.60
N ASP A 210 -19.36 2.77 9.48
CA ASP A 210 -20.32 2.27 10.45
C ASP A 210 -21.46 1.52 9.79
N ILE A 211 -21.94 2.02 8.65
CA ILE A 211 -23.02 1.32 7.98
C ILE A 211 -22.50 0.02 7.34
N ILE A 212 -21.33 0.06 6.72
CA ILE A 212 -20.74 -1.14 6.11
C ILE A 212 -20.60 -2.22 7.17
N GLN A 213 -20.08 -1.86 8.34
CA GLN A 213 -19.91 -2.82 9.41
C GLN A 213 -21.27 -3.34 9.88
N GLU A 214 -22.23 -2.44 10.03
CA GLU A 214 -23.57 -2.83 10.49
C GLU A 214 -24.20 -3.98 9.67
N ILE A 215 -23.99 -3.98 8.36
CA ILE A 215 -24.57 -5.00 7.49
C ILE A 215 -23.66 -6.14 7.09
N SER A 216 -22.39 -6.05 7.43
CA SER A 216 -21.46 -7.12 7.06
C SER A 216 -21.60 -8.36 7.94
N ALA A 217 -21.29 -9.52 7.33
CA ALA A 217 -21.37 -10.80 8.00
C ALA A 217 -20.61 -10.79 9.32
N ASP A 218 -19.41 -10.19 9.31
CA ASP A 218 -18.60 -10.10 10.51
C ASP A 218 -17.73 -8.85 10.51
N LEU A 219 -16.82 -8.78 11.47
CA LEU A 219 -15.92 -7.64 11.61
C LEU A 219 -15.18 -7.30 10.33
N ILE A 220 -14.99 -6.01 10.09
CA ILE A 220 -14.28 -5.52 8.92
C ILE A 220 -13.06 -4.73 9.41
N GLN A 221 -12.09 -4.54 8.52
CA GLN A 221 -10.87 -3.81 8.85
C GLN A 221 -11.15 -2.44 9.47
N PRO A 222 -10.59 -2.17 10.66
CA PRO A 222 -10.82 -0.88 11.33
C PRO A 222 -10.07 0.27 10.63
N ASN A 223 -10.13 0.28 9.31
CA ASN A 223 -9.52 1.33 8.51
C ASN A 223 -10.67 1.92 7.70
N PRO A 224 -10.56 3.20 7.32
CA PRO A 224 -11.63 3.84 6.55
C PRO A 224 -11.88 3.21 5.19
N PRO A 225 -13.05 3.51 4.61
CA PRO A 225 -13.42 2.97 3.29
C PRO A 225 -12.47 3.53 2.22
N SER A 226 -12.29 2.80 1.13
CA SER A 226 -11.42 3.27 0.05
C SER A 226 -12.02 4.49 -0.63
N SER A 227 -11.20 5.18 -1.40
CA SER A 227 -11.66 6.38 -2.13
C SER A 227 -12.76 5.97 -3.08
N GLY A 228 -12.64 4.76 -3.62
CA GLY A 228 -13.65 4.28 -4.54
C GLY A 228 -15.01 4.34 -3.90
N MSE A 229 -15.14 3.74 -2.71
CA MSE A 229 -16.41 3.72 -1.97
C MSE A 229 -16.87 5.13 -1.59
O MSE A 229 -18.07 5.44 -1.69
CB MSE A 229 -16.27 2.85 -0.72
CG MSE A 229 -17.59 2.51 -0.03
SE MSE A 229 -18.86 1.51 -1.12
CE MSE A 229 -20.05 2.95 -1.63
N LEU A 230 -15.95 5.99 -1.17
CA LEU A 230 -16.29 7.36 -0.83
C LEU A 230 -16.85 8.06 -2.08
N GLY A 231 -16.20 7.83 -3.22
CA GLY A 231 -16.63 8.44 -4.46
C GLY A 231 -18.02 8.04 -4.88
N ILE A 232 -18.31 6.74 -4.78
CA ILE A 232 -19.63 6.26 -5.15
C ILE A 232 -20.67 6.96 -4.29
N ILE A 233 -20.36 7.15 -3.02
CA ILE A 233 -21.29 7.80 -2.10
C ILE A 233 -21.50 9.26 -2.49
N ILE A 234 -20.41 10.00 -2.63
CA ILE A 234 -20.45 11.40 -3.01
C ILE A 234 -21.34 11.62 -4.23
N MSE A 235 -21.15 10.81 -5.26
CA MSE A 235 -21.93 10.93 -6.49
C MSE A 235 -23.41 10.60 -6.30
O MSE A 235 -24.26 11.15 -6.98
CB MSE A 235 -21.33 10.07 -7.59
CG MSE A 235 -19.97 10.57 -8.08
SE MSE A 235 -19.97 12.45 -8.62
CE MSE A 235 -20.36 12.23 -10.51
N MSE A 236 -23.70 9.68 -5.38
CA MSE A 236 -25.08 9.29 -5.13
C MSE A 236 -25.89 10.46 -4.58
O MSE A 236 -27.10 10.52 -4.80
CB MSE A 236 -25.13 8.11 -4.15
CG MSE A 236 -24.87 6.80 -4.84
SE MSE A 236 -24.73 5.30 -3.65
CE MSE A 236 -26.58 5.19 -3.07
N THR A 237 -25.23 11.36 -3.87
CA THR A 237 -25.90 12.53 -3.31
C THR A 237 -25.94 13.66 -4.34
N LEU A 238 -25.36 13.41 -5.52
CA LEU A 238 -25.34 14.44 -6.55
C LEU A 238 -26.02 14.05 -7.86
N CYS A 239 -26.26 12.76 -8.04
CA CYS A 239 -26.86 12.28 -9.27
C CYS A 239 -28.15 11.49 -9.11
N ASP A 240 -28.93 11.44 -10.18
CA ASP A 240 -30.17 10.67 -10.17
C ASP A 240 -29.75 9.22 -10.36
N GLN A 241 -28.79 9.03 -11.26
CA GLN A 241 -28.30 7.69 -11.58
C GLN A 241 -26.77 7.71 -11.57
N VAL A 242 -26.16 6.59 -11.19
CA VAL A 242 -24.70 6.53 -11.13
C VAL A 242 -24.15 5.23 -11.71
N ASP A 243 -23.28 5.35 -12.70
CA ASP A 243 -22.66 4.19 -13.30
C ASP A 243 -21.26 4.09 -12.74
N ILE A 244 -20.92 2.90 -12.26
CA ILE A 244 -19.63 2.62 -11.65
C ILE A 244 -18.86 1.64 -12.51
N TYR A 245 -17.71 2.07 -13.02
CA TYR A 245 -16.93 1.23 -13.90
C TYR A 245 -15.69 0.62 -13.25
N GLU A 246 -15.65 -0.71 -13.26
CA GLU A 246 -14.55 -1.48 -12.70
C GLU A 246 -14.30 -1.33 -11.20
N PHE A 247 -15.33 -1.05 -10.42
CA PHE A 247 -15.13 -1.03 -8.97
C PHE A 247 -15.36 -2.52 -8.72
N LEU A 248 -16.51 -3.00 -9.17
CA LEU A 248 -16.85 -4.41 -9.12
C LEU A 248 -16.13 -4.86 -10.39
N PRO A 249 -15.01 -5.59 -10.23
CA PRO A 249 -14.19 -6.10 -11.35
C PRO A 249 -14.87 -6.99 -12.38
N SER A 250 -14.43 -6.86 -13.63
CA SER A 250 -14.97 -7.64 -14.72
C SER A 250 -14.01 -8.79 -15.04
N LYS A 251 -14.24 -9.45 -16.18
CA LYS A 251 -13.40 -10.55 -16.61
C LYS A 251 -11.96 -10.09 -16.83
N ARG A 252 -11.77 -8.80 -17.05
CA ARG A 252 -10.43 -8.26 -17.26
C ARG A 252 -9.77 -7.87 -15.95
N LYS A 253 -10.19 -8.49 -14.85
CA LYS A 253 -9.64 -8.19 -13.53
C LYS A 253 -8.11 -8.29 -13.56
N THR A 254 -7.44 -7.39 -12.84
CA THR A 254 -6.00 -7.38 -12.80
C THR A 254 -5.50 -6.72 -11.51
N ASP A 255 -4.20 -6.83 -11.25
CA ASP A 255 -3.60 -6.27 -10.03
C ASP A 255 -2.80 -4.99 -10.24
N VAL A 256 -3.17 -4.20 -11.25
CA VAL A 256 -2.46 -2.96 -11.51
C VAL A 256 -3.43 -1.90 -12.03
N CYS A 257 -2.99 -0.64 -12.09
CA CYS A 257 -3.83 0.45 -12.59
C CYS A 257 -3.75 0.44 -14.12
N TYR A 258 -4.65 1.17 -14.79
CA TYR A 258 -4.62 1.20 -16.25
C TYR A 258 -3.50 2.10 -16.75
N TYR A 259 -2.88 2.84 -15.84
CA TYR A 259 -1.77 3.72 -16.16
C TYR A 259 -0.62 3.31 -15.25
N HIS A 260 0.61 3.41 -15.76
CA HIS A 260 1.78 3.00 -14.99
C HIS A 260 2.14 3.98 -13.88
N GLN A 261 2.13 3.46 -12.65
CA GLN A 261 2.47 4.24 -11.47
C GLN A 261 3.97 4.20 -11.22
N THR A 269 -4.38 -3.47 -8.30
CA THR A 269 -3.58 -2.90 -7.22
C THR A 269 -4.30 -2.98 -5.87
N MSE A 270 -4.55 -4.20 -5.40
CA MSE A 270 -5.23 -4.40 -4.12
C MSE A 270 -4.34 -4.13 -2.93
O MSE A 270 -3.19 -3.71 -3.07
CB MSE A 270 -5.81 -5.82 -4.01
CG MSE A 270 -7.24 -5.94 -4.47
SE MSE A 270 -8.09 -7.59 -3.86
CE MSE A 270 -8.49 -7.06 -2.03
N GLY A 271 -4.86 -4.38 -1.73
CA GLY A 271 -4.09 -4.16 -0.52
C GLY A 271 -4.72 -4.86 0.66
N ALA A 272 -4.35 -4.44 1.87
CA ALA A 272 -4.90 -5.04 3.07
C ALA A 272 -5.34 -3.95 4.03
N TYR A 273 -5.49 -2.75 3.50
CA TYR A 273 -5.88 -1.59 4.30
C TYR A 273 -7.40 -1.39 4.30
N HIS A 274 -7.94 -0.97 3.17
CA HIS A 274 -9.37 -0.72 3.05
C HIS A 274 -10.23 -1.97 3.12
N PRO A 275 -11.43 -1.86 3.71
CA PRO A 275 -12.33 -3.01 3.81
C PRO A 275 -13.01 -3.20 2.45
N LEU A 276 -12.17 -3.20 1.41
CA LEU A 276 -12.59 -3.35 0.01
C LEU A 276 -13.61 -4.45 -0.27
N LEU A 277 -13.38 -5.62 0.30
CA LEU A 277 -14.26 -6.76 0.12
C LEU A 277 -15.72 -6.41 0.43
N PHE A 278 -15.94 -5.87 1.63
CA PHE A 278 -17.25 -5.51 2.10
C PHE A 278 -17.85 -4.30 1.39
N GLU A 279 -17.02 -3.37 0.95
CA GLU A 279 -17.52 -2.22 0.21
C GLU A 279 -18.14 -2.80 -1.07
N LYS A 280 -17.43 -3.74 -1.68
CA LYS A 280 -17.88 -4.39 -2.92
C LYS A 280 -19.18 -5.16 -2.73
N ASN A 281 -19.31 -5.88 -1.63
CA ASN A 281 -20.53 -6.62 -1.39
C ASN A 281 -21.71 -5.66 -1.25
N MSE A 282 -21.49 -4.51 -0.62
CA MSE A 282 -22.56 -3.55 -0.45
C MSE A 282 -22.99 -2.98 -1.81
O MSE A 282 -24.19 -2.85 -2.08
CB MSE A 282 -22.15 -2.41 0.47
CG MSE A 282 -23.29 -1.45 0.78
SE MSE A 282 -22.85 -0.01 2.00
CE MSE A 282 -23.91 -0.55 3.51
N VAL A 283 -22.02 -2.63 -2.64
CA VAL A 283 -22.36 -2.08 -3.94
C VAL A 283 -23.07 -3.14 -4.79
N LYS A 284 -22.67 -4.39 -4.62
CA LYS A 284 -23.26 -5.49 -5.37
C LYS A 284 -24.74 -5.63 -4.95
N HIS A 285 -25.02 -5.46 -3.67
CA HIS A 285 -26.37 -5.55 -3.15
C HIS A 285 -27.27 -4.48 -3.79
N LEU A 286 -26.72 -3.27 -3.90
CA LEU A 286 -27.46 -2.14 -4.48
C LEU A 286 -27.41 -2.08 -6.00
N ASN A 287 -26.64 -2.95 -6.63
CA ASN A 287 -26.52 -2.91 -8.07
C ASN A 287 -27.84 -3.21 -8.77
N GLU A 288 -28.23 -2.32 -9.67
CA GLU A 288 -29.46 -2.50 -10.41
C GLU A 288 -29.17 -3.09 -11.79
N GLY A 289 -27.88 -3.26 -12.10
CA GLY A 289 -27.49 -3.80 -13.38
C GLY A 289 -27.46 -5.32 -13.41
N THR A 290 -27.00 -5.88 -14.53
CA THR A 290 -26.94 -7.33 -14.69
C THR A 290 -25.55 -7.89 -14.37
N ASP A 291 -25.49 -9.19 -14.07
CA ASP A 291 -24.23 -9.83 -13.76
C ASP A 291 -23.33 -9.82 -14.99
N GLU A 292 -23.97 -9.89 -16.16
CA GLU A 292 -23.24 -9.90 -17.42
C GLU A 292 -22.47 -8.60 -17.62
N ASP A 293 -23.14 -7.47 -17.41
CA ASP A 293 -22.49 -6.17 -17.57
C ASP A 293 -21.31 -6.00 -16.63
N ILE A 294 -21.33 -6.70 -15.50
CA ILE A 294 -20.24 -6.62 -14.56
C ILE A 294 -19.11 -7.50 -15.06
N TYR A 295 -19.47 -8.67 -15.56
CA TYR A 295 -18.48 -9.62 -16.06
C TYR A 295 -17.77 -9.12 -17.31
N LEU A 296 -18.54 -8.57 -18.25
CA LEU A 296 -18.02 -8.08 -19.52
C LEU A 296 -17.54 -6.63 -19.49
N PHE A 297 -18.27 -5.79 -18.76
CA PHE A 297 -17.92 -4.38 -18.69
C PHE A 297 -17.51 -3.91 -17.30
N GLY A 298 -17.74 -4.73 -16.27
CA GLY A 298 -17.39 -4.34 -14.93
C GLY A 298 -18.23 -3.12 -14.58
N LYS A 299 -19.43 -3.08 -15.17
CA LYS A 299 -20.34 -1.98 -14.97
C LYS A 299 -21.49 -2.27 -14.01
N ALA A 300 -21.65 -1.40 -13.02
CA ALA A 300 -22.73 -1.54 -12.06
C ALA A 300 -23.49 -0.22 -12.13
N THR A 301 -24.81 -0.29 -11.94
CA THR A 301 -25.65 0.90 -11.96
C THR A 301 -26.44 0.99 -10.66
N LEU A 302 -26.29 2.12 -9.98
CA LEU A 302 -26.97 2.37 -8.73
C LEU A 302 -27.74 3.67 -8.82
N SER A 303 -28.87 3.72 -8.13
CA SER A 303 -29.69 4.91 -8.10
C SER A 303 -29.11 5.94 -7.12
N GLY A 304 -29.23 7.22 -7.44
CA GLY A 304 -28.74 8.25 -6.56
C GLY A 304 -29.77 8.48 -5.47
N PHE A 305 -29.51 9.41 -4.56
CA PHE A 305 -30.43 9.68 -3.46
C PHE A 305 -31.59 10.64 -3.74
N ARG A 306 -31.35 11.64 -4.58
CA ARG A 306 -32.35 12.67 -4.90
C ARG A 306 -33.84 12.32 -4.92
N ASN A 307 -34.21 11.31 -5.70
CA ASN A 307 -35.61 10.94 -5.84
C ASN A 307 -36.18 9.81 -4.99
N ILE A 308 -35.42 9.26 -4.05
CA ILE A 308 -35.96 8.16 -3.26
C ILE A 308 -36.88 8.66 -2.13
N ARG A 309 -37.80 7.80 -1.72
CA ARG A 309 -38.72 8.16 -0.65
C ARG A 309 -38.26 7.51 0.65
N CYS A 310 -38.14 8.31 1.71
CA CYS A 310 -37.71 7.78 2.99
C CYS A 310 -38.45 8.46 4.13
N ASN B 24 31.68 -13.34 -15.30
CA ASN B 24 31.49 -13.41 -13.82
C ASN B 24 30.29 -14.31 -13.54
N LYS B 25 30.37 -15.08 -12.46
CA LYS B 25 29.32 -16.03 -12.10
C LYS B 25 27.92 -15.68 -12.56
N TYR B 26 27.44 -14.50 -12.19
CA TYR B 26 26.09 -14.09 -12.54
C TYR B 26 25.97 -13.37 -13.88
N LYS B 27 27.07 -13.26 -14.61
CA LYS B 27 27.07 -12.62 -15.91
C LYS B 27 26.66 -11.15 -15.83
N VAL B 28 27.10 -10.47 -14.78
CA VAL B 28 26.78 -9.06 -14.61
C VAL B 28 27.54 -8.26 -15.65
N SER B 29 26.85 -7.30 -16.24
CA SER B 29 27.41 -6.41 -17.24
C SER B 29 26.75 -5.05 -17.05
N TYR B 30 27.20 -4.31 -16.04
CA TYR B 30 26.62 -3.00 -15.76
C TYR B 30 26.80 -2.04 -16.93
N LYS B 31 25.70 -1.45 -17.37
CA LYS B 31 25.72 -0.51 -18.49
C LYS B 31 25.22 0.87 -18.10
N GLY B 32 24.50 0.93 -16.99
CA GLY B 32 23.95 2.20 -16.53
C GLY B 32 24.97 3.30 -16.29
N PRO B 33 24.53 4.45 -15.78
CA PRO B 33 25.38 5.60 -15.48
C PRO B 33 26.60 5.18 -14.67
N GLY B 34 27.77 5.27 -15.29
CA GLY B 34 29.01 4.90 -14.62
C GLY B 34 28.95 5.23 -13.15
N PRO B 35 29.61 4.44 -12.29
CA PRO B 35 29.59 4.69 -10.84
C PRO B 35 29.91 6.13 -10.48
N GLY B 36 29.65 6.49 -9.23
CA GLY B 36 29.93 7.84 -8.76
C GLY B 36 28.90 8.92 -9.00
N VAL B 37 27.64 8.51 -9.25
CA VAL B 37 26.59 9.49 -9.48
C VAL B 37 26.10 10.07 -8.15
N LYS B 38 26.06 11.40 -8.07
CA LYS B 38 25.62 12.10 -6.86
C LYS B 38 24.11 12.21 -6.77
N PHE B 39 23.57 11.77 -5.65
CA PHE B 39 22.14 11.81 -5.39
C PHE B 39 21.91 12.52 -4.07
N SER B 40 20.84 13.32 -4.01
CA SER B 40 20.49 14.00 -2.78
C SER B 40 19.79 12.91 -1.99
N VAL B 41 19.62 13.10 -0.69
CA VAL B 41 18.95 12.11 0.15
C VAL B 41 17.55 11.78 -0.36
N GLU B 42 16.81 12.82 -0.72
CA GLU B 42 15.45 12.62 -1.20
C GLU B 42 15.41 11.97 -2.58
N ALA B 43 16.32 12.37 -3.45
CA ALA B 43 16.33 11.81 -4.79
C ALA B 43 16.71 10.33 -4.77
N LEU B 44 17.54 9.93 -3.80
CA LEU B 44 17.94 8.52 -3.72
C LEU B 44 16.78 7.66 -3.23
N ARG B 45 16.04 8.17 -2.26
CA ARG B 45 14.89 7.45 -1.73
C ARG B 45 13.89 7.19 -2.87
N CYS B 46 13.55 8.25 -3.61
CA CYS B 46 12.59 8.16 -4.71
C CYS B 46 13.04 7.20 -5.80
N HIS B 47 14.34 7.25 -6.11
CA HIS B 47 14.91 6.40 -7.12
C HIS B 47 14.68 4.94 -6.71
N LEU B 48 14.96 4.63 -5.46
CA LEU B 48 14.79 3.28 -4.90
C LEU B 48 13.31 2.89 -4.86
N ARG B 49 12.46 3.83 -4.51
CA ARG B 49 11.02 3.57 -4.44
C ARG B 49 10.47 3.29 -5.82
N ASP B 50 10.98 4.02 -6.81
CA ASP B 50 10.49 3.88 -8.17
C ASP B 50 11.14 2.80 -9.01
N HIS B 51 12.42 2.51 -8.78
CA HIS B 51 13.09 1.54 -9.63
C HIS B 51 13.46 0.18 -9.07
N VAL B 52 13.06 -0.09 -7.84
CA VAL B 52 13.32 -1.38 -7.25
C VAL B 52 11.94 -1.94 -6.97
N ASN B 53 11.45 -2.75 -7.89
CA ASN B 53 10.13 -3.31 -7.76
C ASN B 53 10.10 -4.55 -6.87
N VAL B 54 9.63 -4.36 -5.65
CA VAL B 54 9.54 -5.46 -4.70
C VAL B 54 8.23 -6.22 -4.86
N SER B 55 8.28 -7.29 -5.65
CA SER B 55 7.11 -8.12 -5.90
C SER B 55 7.50 -9.59 -5.79
N MSE B 56 6.51 -10.44 -5.59
CA MSE B 56 6.74 -11.87 -5.47
C MSE B 56 6.28 -12.57 -6.74
O MSE B 56 5.44 -12.06 -7.47
CB MSE B 56 5.96 -12.44 -4.29
CG MSE B 56 6.16 -11.73 -2.97
SE MSE B 56 8.00 -11.67 -2.37
CE MSE B 56 8.15 -9.75 -2.13
N ILE B 57 6.83 -13.76 -6.98
CA ILE B 57 6.44 -14.56 -8.11
C ILE B 57 4.95 -14.83 -7.97
N GLU B 58 4.20 -14.77 -9.07
CA GLU B 58 2.76 -15.04 -9.02
C GLU B 58 2.38 -16.16 -9.98
N ALA B 59 1.18 -16.71 -9.79
CA ALA B 59 0.69 -17.80 -10.63
C ALA B 59 0.49 -17.38 -12.08
N THR B 60 0.58 -16.09 -12.37
CA THR B 60 0.40 -15.63 -13.73
C THR B 60 1.76 -15.55 -14.44
N ASP B 61 2.81 -15.86 -13.69
CA ASP B 61 4.17 -15.85 -14.20
C ASP B 61 4.57 -17.26 -14.65
N PHE B 62 4.98 -17.37 -15.91
CA PHE B 62 5.40 -18.66 -16.46
C PHE B 62 6.74 -19.04 -15.86
N PRO B 63 6.94 -20.32 -15.53
CA PRO B 63 6.05 -21.47 -15.64
C PRO B 63 5.31 -21.81 -14.34
N PHE B 64 5.08 -20.82 -13.50
CA PHE B 64 4.38 -21.08 -12.24
C PHE B 64 2.88 -21.17 -12.44
N ASN B 65 2.47 -21.01 -13.70
CA ASN B 65 1.06 -21.09 -14.04
C ASN B 65 0.81 -22.40 -14.76
N THR B 66 1.82 -23.27 -14.80
CA THR B 66 1.65 -24.55 -15.45
C THR B 66 0.93 -25.45 -14.46
N THR B 67 0.59 -26.66 -14.89
CA THR B 67 -0.15 -27.57 -14.04
C THR B 67 0.64 -28.14 -12.86
N GLU B 68 1.97 -28.16 -12.96
CA GLU B 68 2.79 -28.70 -11.89
C GLU B 68 2.94 -27.73 -10.70
N TRP B 69 2.54 -26.48 -10.89
CA TRP B 69 2.62 -25.49 -9.82
C TRP B 69 1.24 -25.06 -9.35
N GLU B 70 0.23 -25.44 -10.12
CA GLU B 70 -1.14 -25.08 -9.81
C GLU B 70 -1.44 -25.38 -8.35
N GLY B 71 -1.76 -24.32 -7.61
CA GLY B 71 -2.11 -24.46 -6.20
C GLY B 71 -0.96 -24.34 -5.23
N TYR B 72 0.25 -24.07 -5.73
CA TYR B 72 1.40 -23.93 -4.84
C TYR B 72 1.70 -22.54 -4.32
N LEU B 73 1.49 -21.51 -5.14
CA LEU B 73 1.75 -20.15 -4.71
C LEU B 73 0.61 -19.62 -3.87
N PRO B 74 0.90 -18.82 -2.83
CA PRO B 74 -0.11 -18.26 -1.94
C PRO B 74 -1.35 -17.77 -2.68
N LYS B 75 -2.52 -18.08 -2.12
CA LYS B 75 -3.80 -17.69 -2.70
C LYS B 75 -3.85 -16.20 -2.99
N GLU B 76 -3.75 -15.38 -1.94
CA GLU B 76 -3.78 -13.94 -2.14
C GLU B 76 -2.37 -13.42 -2.34
N ASN B 77 -2.25 -12.32 -3.08
CA ASN B 77 -0.96 -11.74 -3.35
C ASN B 77 -0.35 -11.07 -2.13
N PHE B 78 0.98 -10.95 -2.17
CA PHE B 78 1.75 -10.33 -1.10
C PHE B 78 1.13 -9.08 -0.48
N ARG B 79 0.81 -8.10 -1.31
CA ARG B 79 0.25 -6.83 -0.85
C ARG B 79 -1.07 -6.86 -0.09
N THR B 80 -1.90 -7.85 -0.36
CA THR B 80 -3.19 -7.91 0.32
C THR B 80 -3.14 -8.83 1.54
N LYS B 81 -1.94 -9.22 1.95
CA LYS B 81 -1.77 -10.11 3.09
C LYS B 81 -0.84 -9.51 4.15
N VAL B 82 0.20 -8.84 3.68
CA VAL B 82 1.22 -8.26 4.55
C VAL B 82 1.06 -6.75 4.78
N GLY B 83 1.20 -6.34 6.03
CA GLY B 83 1.10 -4.93 6.39
C GLY B 83 -0.23 -4.31 5.98
N PRO B 84 -0.30 -2.97 5.93
CA PRO B 84 0.77 -2.02 6.21
C PRO B 84 1.02 -1.81 7.71
N TRP B 85 2.22 -1.34 8.06
CA TRP B 85 2.57 -1.14 9.46
C TRP B 85 3.13 0.24 9.69
N GLN B 86 3.06 0.70 10.94
CA GLN B 86 3.57 2.01 11.31
C GLN B 86 5.05 1.99 11.65
N ARG B 87 5.41 1.18 12.65
CA ARG B 87 6.79 1.09 13.09
C ARG B 87 7.33 -0.33 12.92
N CYS B 88 8.41 -0.46 12.16
CA CYS B 88 8.99 -1.77 11.92
C CYS B 88 10.44 -1.87 12.35
N ALA B 89 10.87 -3.11 12.51
CA ALA B 89 12.24 -3.41 12.90
C ALA B 89 12.86 -4.43 11.95
N VAL B 90 14.10 -4.16 11.57
CA VAL B 90 14.86 -5.07 10.71
C VAL B 90 16.02 -5.43 11.64
N VAL B 91 16.09 -6.70 12.02
CA VAL B 91 17.12 -7.17 12.94
C VAL B 91 18.10 -8.09 12.22
N SER B 92 19.34 -7.64 12.09
CA SER B 92 20.37 -8.44 11.43
C SER B 92 20.75 -9.60 12.33
N SER B 93 21.77 -10.36 11.93
CA SER B 93 22.22 -11.50 12.70
C SER B 93 23.59 -11.26 13.33
N ALA B 94 24.07 -10.03 13.24
CA ALA B 94 25.38 -9.63 13.79
C ALA B 94 25.63 -10.10 15.23
N GLY B 95 26.82 -10.66 15.47
CA GLY B 95 27.17 -11.11 16.81
C GLY B 95 27.22 -9.92 17.74
N SER B 96 27.10 -8.74 17.14
CA SER B 96 27.12 -7.48 17.87
C SER B 96 25.87 -7.40 18.76
N LEU B 97 24.80 -8.08 18.34
CA LEU B 97 23.55 -8.07 19.09
C LEU B 97 23.62 -8.78 20.44
N LYS B 98 24.58 -9.69 20.57
CA LYS B 98 24.77 -10.43 21.81
C LYS B 98 25.08 -9.47 22.96
N ASN B 99 24.35 -9.61 24.06
CA ASN B 99 24.54 -8.75 25.23
C ASN B 99 24.19 -7.29 24.97
N SER B 100 23.36 -7.03 23.96
CA SER B 100 22.97 -5.66 23.65
C SER B 100 21.74 -5.24 24.43
N GLN B 101 20.96 -6.23 24.87
CA GLN B 101 19.75 -5.96 25.64
C GLN B 101 18.78 -5.09 24.83
N LEU B 102 18.79 -5.27 23.50
CA LEU B 102 17.90 -4.50 22.64
C LEU B 102 16.55 -5.18 22.42
N GLY B 103 16.40 -6.35 23.02
CA GLY B 103 15.18 -7.13 22.88
C GLY B 103 13.89 -6.37 23.11
N ARG B 104 13.79 -5.66 24.23
CA ARG B 104 12.60 -4.89 24.56
C ARG B 104 12.32 -3.81 23.53
N GLU B 105 13.36 -3.11 23.08
CA GLU B 105 13.18 -2.06 22.10
C GLU B 105 12.73 -2.64 20.76
N ILE B 106 13.30 -3.78 20.40
CA ILE B 106 12.96 -4.43 19.15
C ILE B 106 11.48 -4.83 19.14
N ASP B 107 11.05 -5.55 20.17
CA ASP B 107 9.66 -5.99 20.26
C ASP B 107 8.66 -4.85 20.33
N ASN B 108 9.15 -3.64 20.61
CA ASN B 108 8.25 -2.50 20.69
C ASN B 108 7.89 -1.89 19.34
N HIS B 109 7.83 -2.75 18.31
CA HIS B 109 7.47 -2.31 16.97
C HIS B 109 6.24 -3.10 16.55
N ASP B 110 5.56 -2.64 15.52
CA ASP B 110 4.38 -3.30 15.02
C ASP B 110 4.77 -4.54 14.24
N ALA B 111 5.94 -4.53 13.63
CA ALA B 111 6.39 -5.67 12.85
C ALA B 111 7.90 -5.85 13.00
N VAL B 112 8.35 -7.10 12.86
CA VAL B 112 9.75 -7.44 12.96
C VAL B 112 10.20 -8.40 11.88
N LEU B 113 11.26 -8.01 11.16
CA LEU B 113 11.82 -8.83 10.09
C LEU B 113 13.14 -9.44 10.52
N ARG B 114 13.27 -10.75 10.29
CA ARG B 114 14.49 -11.50 10.64
C ARG B 114 15.00 -12.25 9.43
N PHE B 115 16.19 -12.83 9.56
CA PHE B 115 16.80 -13.52 8.45
C PHE B 115 17.16 -14.99 8.63
N ASN B 116 16.99 -15.74 7.54
CA ASN B 116 17.29 -17.15 7.51
C ASN B 116 16.86 -17.88 8.76
N GLY B 117 17.83 -18.42 9.50
CA GLY B 117 17.51 -19.16 10.71
C GLY B 117 17.56 -18.43 12.04
N ALA B 118 18.04 -17.19 12.04
CA ALA B 118 18.14 -16.39 13.27
C ALA B 118 17.01 -16.69 14.25
N PRO B 119 17.32 -17.37 15.36
CA PRO B 119 16.31 -17.73 16.37
C PRO B 119 16.07 -16.66 17.43
N THR B 120 14.86 -16.65 17.98
CA THR B 120 14.52 -15.70 19.03
C THR B 120 14.59 -16.38 20.39
N ASP B 121 14.27 -17.66 20.45
CA ASP B 121 14.32 -18.41 21.69
C ASP B 121 15.72 -18.34 22.30
N ASN B 122 15.78 -18.02 23.58
CA ASN B 122 17.06 -17.90 24.30
C ASN B 122 17.81 -16.60 24.03
N PHE B 123 17.27 -15.73 23.19
CA PHE B 123 17.94 -14.47 22.90
C PHE B 123 16.98 -13.29 22.92
N GLN B 124 15.79 -13.51 23.47
CA GLN B 124 14.77 -12.47 23.51
C GLN B 124 15.28 -11.17 24.11
N GLN B 125 16.01 -11.25 25.21
CA GLN B 125 16.54 -10.07 25.87
C GLN B 125 17.48 -9.27 24.95
N ASP B 126 18.01 -9.92 23.91
CA ASP B 126 18.91 -9.26 22.98
C ASP B 126 18.32 -8.92 21.61
N VAL B 127 17.52 -9.83 21.05
CA VAL B 127 16.97 -9.66 19.71
C VAL B 127 15.44 -9.56 19.57
N GLY B 128 14.73 -9.66 20.68
CA GLY B 128 13.27 -9.61 20.60
C GLY B 128 12.71 -11.01 20.60
N SER B 129 11.39 -11.14 20.56
CA SER B 129 10.78 -12.46 20.57
C SER B 129 9.86 -12.74 19.41
N LYS B 130 9.28 -11.70 18.83
CA LYS B 130 8.36 -11.94 17.72
C LYS B 130 8.99 -11.85 16.35
N THR B 131 8.39 -12.57 15.41
CA THR B 131 8.85 -12.60 14.03
C THR B 131 7.63 -12.44 13.14
N THR B 132 7.60 -11.35 12.40
CA THR B 132 6.49 -11.06 11.52
C THR B 132 6.77 -11.57 10.12
N ILE B 133 7.96 -11.23 9.60
CA ILE B 133 8.39 -11.67 8.28
C ILE B 133 9.77 -12.28 8.41
N ARG B 134 10.02 -13.33 7.66
CA ARG B 134 11.29 -14.05 7.69
C ARG B 134 11.80 -14.23 6.26
N LEU B 135 12.94 -13.62 5.97
CA LEU B 135 13.55 -13.69 4.64
C LEU B 135 14.71 -14.68 4.63
N MSE B 136 14.68 -15.62 3.70
CA MSE B 136 15.73 -16.64 3.64
C MSE B 136 16.33 -16.83 2.25
O MSE B 136 15.64 -16.70 1.24
CB MSE B 136 15.17 -17.97 4.13
CG MSE B 136 14.12 -17.83 5.20
SE MSE B 136 13.29 -19.52 5.61
CE MSE B 136 12.00 -19.59 4.16
N ASN B 137 17.62 -17.17 2.24
CA ASN B 137 18.32 -17.44 0.98
C ASN B 137 17.86 -18.82 0.52
N SER B 138 17.89 -19.06 -0.79
CA SER B 138 17.49 -20.34 -1.33
C SER B 138 18.45 -21.42 -0.86
N GLN B 139 19.63 -20.99 -0.43
CA GLN B 139 20.66 -21.90 0.07
C GLN B 139 20.15 -22.58 1.34
N LEU B 140 19.59 -21.80 2.24
CA LEU B 140 19.05 -22.34 3.47
C LEU B 140 17.95 -23.35 3.18
N VAL B 141 16.88 -22.90 2.56
CA VAL B 141 15.77 -23.79 2.27
C VAL B 141 16.15 -25.02 1.45
N THR B 142 17.20 -24.89 0.63
CA THR B 142 17.62 -26.02 -0.21
C THR B 142 18.51 -26.98 0.57
N THR B 143 19.39 -26.43 1.39
CA THR B 143 20.38 -27.18 2.13
C THR B 143 20.12 -27.68 3.54
N GLU B 144 19.38 -26.92 4.34
CA GLU B 144 19.14 -27.35 5.71
C GLU B 144 17.90 -28.20 5.96
N LYS B 145 18.12 -29.44 6.37
CA LYS B 145 17.02 -30.35 6.65
C LYS B 145 16.14 -29.85 7.78
N ARG B 146 16.73 -29.03 8.67
CA ARG B 146 15.98 -28.49 9.80
C ARG B 146 14.91 -27.50 9.36
N PHE B 147 14.93 -27.11 8.09
CA PHE B 147 13.94 -26.18 7.59
C PHE B 147 12.54 -26.81 7.62
N LEU B 148 12.45 -28.09 7.32
CA LEU B 148 11.18 -28.78 7.33
C LEU B 148 10.90 -29.45 8.67
N LYS B 149 11.65 -29.08 9.71
CA LYS B 149 11.49 -29.66 11.05
C LYS B 149 11.25 -28.60 12.13
N ASP B 150 12.16 -27.64 12.19
CA ASP B 150 12.12 -26.57 13.17
C ASP B 150 10.85 -25.72 13.19
N SER B 151 10.19 -25.70 14.34
CA SER B 151 8.97 -24.93 14.50
C SER B 151 9.18 -23.43 14.33
N LEU B 152 10.41 -22.96 14.53
CA LEU B 152 10.72 -21.54 14.41
C LEU B 152 10.31 -20.95 13.05
N TYR B 153 10.41 -21.76 12.00
CA TYR B 153 10.06 -21.33 10.66
C TYR B 153 8.54 -21.20 10.50
N THR B 154 7.82 -21.87 11.39
CA THR B 154 6.37 -21.87 11.37
C THR B 154 5.74 -20.52 11.71
N GLU B 155 6.50 -19.64 12.32
CA GLU B 155 5.99 -18.34 12.71
C GLU B 155 6.11 -17.28 11.65
N GLY B 156 5.11 -16.39 11.60
CA GLY B 156 5.12 -15.28 10.65
C GLY B 156 5.01 -15.59 9.16
N ILE B 157 5.37 -14.60 8.35
CA ILE B 157 5.33 -14.71 6.90
C ILE B 157 6.72 -15.02 6.37
N LEU B 158 6.83 -16.03 5.53
CA LEU B 158 8.11 -16.43 4.97
C LEU B 158 8.35 -15.94 3.55
N ILE B 159 9.58 -15.49 3.30
CA ILE B 159 9.97 -15.06 1.96
C ILE B 159 11.30 -15.73 1.62
N VAL B 160 11.37 -16.36 0.46
CA VAL B 160 12.60 -17.02 0.00
C VAL B 160 13.08 -16.33 -1.28
N TRP B 161 14.39 -16.13 -1.39
CA TRP B 161 14.92 -15.49 -2.59
C TRP B 161 16.15 -16.26 -3.08
N ASP B 162 16.36 -16.18 -4.38
CA ASP B 162 17.44 -16.91 -5.03
C ASP B 162 18.18 -16.05 -6.06
N PRO B 163 19.52 -15.97 -5.97
CA PRO B 163 20.35 -15.20 -6.90
C PRO B 163 20.19 -15.79 -8.30
N SER B 164 19.87 -14.94 -9.26
CA SER B 164 19.71 -15.37 -10.64
C SER B 164 20.77 -14.70 -11.49
N VAL B 165 20.82 -15.06 -12.77
CA VAL B 165 21.77 -14.44 -13.67
C VAL B 165 21.30 -12.99 -13.82
N TYR B 166 22.27 -12.08 -13.91
CA TYR B 166 22.01 -10.65 -14.03
C TYR B 166 20.80 -10.32 -14.90
N HIS B 167 19.76 -9.80 -14.24
CA HIS B 167 18.52 -9.42 -14.87
C HIS B 167 17.97 -10.46 -15.84
N ALA B 168 17.88 -11.69 -15.35
CA ALA B 168 17.35 -12.80 -16.12
C ALA B 168 15.83 -12.78 -15.99
N ASP B 169 15.15 -13.35 -16.98
CA ASP B 169 13.70 -13.41 -16.97
C ASP B 169 13.32 -14.52 -15.99
N ILE B 170 12.06 -14.55 -15.56
CA ILE B 170 11.62 -15.59 -14.64
C ILE B 170 11.80 -16.98 -15.30
N PRO B 171 11.41 -17.12 -16.57
CA PRO B 171 11.55 -18.40 -17.26
C PRO B 171 13.02 -18.77 -17.41
N LYS B 172 13.85 -17.76 -17.66
CA LYS B 172 15.28 -17.97 -17.81
C LYS B 172 15.89 -18.35 -16.45
N TRP B 173 15.50 -17.62 -15.40
CA TRP B 173 15.97 -17.87 -14.03
C TRP B 173 15.55 -19.26 -13.59
N TYR B 174 14.30 -19.59 -13.84
CA TYR B 174 13.74 -20.88 -13.46
C TYR B 174 14.62 -22.02 -13.92
N GLN B 175 15.11 -21.94 -15.14
CA GLN B 175 15.95 -23.00 -15.69
C GLN B 175 17.40 -23.00 -15.23
N LYS B 176 17.73 -22.14 -14.29
CA LYS B 176 19.11 -22.09 -13.80
C LYS B 176 19.17 -21.24 -12.52
N PRO B 177 18.47 -21.69 -11.46
CA PRO B 177 18.49 -20.93 -10.21
C PRO B 177 19.79 -21.20 -9.46
N ASP B 178 20.16 -20.30 -8.57
CA ASP B 178 21.39 -20.46 -7.78
C ASP B 178 21.32 -21.82 -7.07
N TYR B 179 20.15 -22.12 -6.50
CA TYR B 179 19.88 -23.37 -5.79
C TYR B 179 18.52 -23.88 -6.26
N ASN B 180 18.38 -25.19 -6.44
CA ASN B 180 17.07 -25.71 -6.85
C ASN B 180 16.30 -26.00 -5.57
N PHE B 181 15.59 -24.97 -5.09
CA PHE B 181 14.83 -25.06 -3.85
C PHE B 181 13.36 -25.36 -4.10
N PHE B 182 12.98 -25.43 -5.37
CA PHE B 182 11.58 -25.68 -5.73
C PHE B 182 10.90 -26.86 -5.05
N GLU B 183 11.54 -28.03 -5.07
CA GLU B 183 10.95 -29.19 -4.44
C GLU B 183 10.77 -29.04 -2.94
N THR B 184 11.75 -28.46 -2.27
CA THR B 184 11.65 -28.27 -0.84
C THR B 184 10.62 -27.20 -0.50
N TYR B 185 10.43 -26.27 -1.42
CA TYR B 185 9.45 -25.20 -1.23
C TYR B 185 8.05 -25.83 -1.22
N LYS B 186 7.82 -26.76 -2.15
CA LYS B 186 6.55 -27.45 -2.26
C LYS B 186 6.35 -28.35 -1.04
N SER B 187 7.42 -29.01 -0.61
CA SER B 187 7.31 -29.87 0.55
C SER B 187 6.85 -29.05 1.74
N TYR B 188 7.45 -27.88 1.92
CA TYR B 188 7.09 -27.03 3.02
C TYR B 188 5.66 -26.51 2.87
N ARG B 189 5.29 -26.23 1.63
CA ARG B 189 3.97 -25.76 1.33
C ARG B 189 2.93 -26.80 1.76
N ARG B 190 3.20 -28.07 1.48
CA ARG B 190 2.28 -29.14 1.85
C ARG B 190 2.23 -29.33 3.35
N LEU B 191 3.36 -29.18 4.03
CA LEU B 191 3.40 -29.34 5.47
C LEU B 191 2.66 -28.24 6.22
N ASN B 192 2.91 -26.99 5.86
CA ASN B 192 2.25 -25.84 6.49
C ASN B 192 1.47 -25.08 5.42
N PRO B 193 0.36 -25.65 4.95
CA PRO B 193 -0.47 -25.01 3.92
C PRO B 193 -1.10 -23.67 4.27
N SER B 194 -1.28 -23.40 5.57
CA SER B 194 -1.89 -22.15 5.97
C SER B 194 -0.90 -20.98 6.07
N GLN B 195 0.39 -21.29 6.19
CA GLN B 195 1.40 -20.25 6.31
C GLN B 195 1.86 -19.64 4.99
N PRO B 196 1.77 -18.31 4.86
CA PRO B 196 2.17 -17.59 3.66
C PRO B 196 3.67 -17.77 3.42
N PHE B 197 4.02 -18.17 2.21
CA PHE B 197 5.41 -18.42 1.87
C PHE B 197 5.65 -17.93 0.44
N TYR B 198 6.25 -16.75 0.30
CA TYR B 198 6.50 -16.19 -1.01
C TYR B 198 7.89 -16.40 -1.57
N ILE B 199 7.99 -16.22 -2.87
CA ILE B 199 9.24 -16.31 -3.62
C ILE B 199 9.46 -14.94 -4.23
N LEU B 200 10.58 -14.31 -3.91
CA LEU B 200 10.89 -12.99 -4.44
C LEU B 200 11.15 -13.06 -5.94
N LYS B 201 10.74 -12.03 -6.68
CA LYS B 201 11.02 -12.04 -8.11
C LYS B 201 12.53 -11.94 -8.25
N PRO B 202 13.11 -12.76 -9.16
CA PRO B 202 14.56 -12.74 -9.34
C PRO B 202 15.18 -11.40 -9.77
N GLN B 203 14.38 -10.50 -10.34
CA GLN B 203 14.91 -9.22 -10.80
C GLN B 203 15.11 -8.14 -9.73
N MSE B 204 14.38 -8.21 -8.63
CA MSE B 204 14.51 -7.18 -7.60
C MSE B 204 15.93 -6.96 -7.03
O MSE B 204 16.36 -5.82 -6.89
CB MSE B 204 13.51 -7.45 -6.46
CG MSE B 204 14.12 -7.85 -5.13
SE MSE B 204 14.67 -6.40 -3.95
CE MSE B 204 13.24 -6.53 -2.65
N PRO B 205 16.67 -8.05 -6.70
CA PRO B 205 18.03 -7.88 -6.17
C PRO B 205 18.96 -7.11 -7.09
N TRP B 206 18.86 -7.37 -8.39
CA TRP B 206 19.69 -6.72 -9.38
C TRP B 206 19.22 -5.29 -9.65
N GLU B 207 17.93 -5.03 -9.49
CA GLU B 207 17.43 -3.67 -9.67
C GLU B 207 18.05 -2.87 -8.53
N LEU B 208 18.10 -3.49 -7.36
CA LEU B 208 18.67 -2.86 -6.17
C LEU B 208 20.18 -2.73 -6.36
N TRP B 209 20.80 -3.78 -6.89
CA TRP B 209 22.24 -3.81 -7.12
C TRP B 209 22.67 -2.68 -8.06
N ASP B 210 21.95 -2.51 -9.17
CA ASP B 210 22.27 -1.46 -10.12
C ASP B 210 22.30 -0.09 -9.48
N ILE B 211 21.29 0.21 -8.65
CA ILE B 211 21.25 1.50 -7.99
C ILE B 211 22.43 1.67 -7.05
N ILE B 212 22.86 0.59 -6.42
CA ILE B 212 24.01 0.66 -5.52
C ILE B 212 25.29 0.92 -6.32
N GLN B 213 25.44 0.27 -7.48
CA GLN B 213 26.61 0.48 -8.31
C GLN B 213 26.62 1.92 -8.82
N GLU B 214 25.46 2.36 -9.31
CA GLU B 214 25.31 3.72 -9.84
C GLU B 214 25.80 4.83 -8.90
N ILE B 215 25.60 4.66 -7.60
CA ILE B 215 26.01 5.66 -6.63
C ILE B 215 27.38 5.44 -5.96
N SER B 216 27.89 4.22 -6.01
CA SER B 216 29.18 3.93 -5.40
C SER B 216 30.35 4.58 -6.15
N ALA B 217 31.40 4.90 -5.40
CA ALA B 217 32.59 5.53 -5.95
C ALA B 217 33.24 4.73 -7.08
N ASP B 218 33.06 3.41 -7.06
CA ASP B 218 33.64 2.55 -8.10
C ASP B 218 32.86 1.26 -8.28
N LEU B 219 33.48 0.30 -8.98
CA LEU B 219 32.86 -0.99 -9.24
C LEU B 219 32.71 -1.85 -7.99
N ILE B 220 31.51 -2.40 -7.82
CA ILE B 220 31.20 -3.23 -6.67
C ILE B 220 31.23 -4.71 -7.05
N GLN B 221 31.19 -5.58 -6.04
CA GLN B 221 31.20 -7.01 -6.27
C GLN B 221 30.02 -7.39 -7.16
N PRO B 222 30.27 -8.14 -8.25
CA PRO B 222 29.19 -8.53 -9.15
C PRO B 222 28.26 -9.61 -8.55
N ASN B 223 28.03 -9.53 -7.25
CA ASN B 223 27.13 -10.45 -6.57
C ASN B 223 25.87 -9.70 -6.13
N PRO B 224 24.72 -10.40 -6.01
CA PRO B 224 23.50 -9.71 -5.60
C PRO B 224 23.67 -9.08 -4.21
N PRO B 225 22.81 -8.12 -3.84
CA PRO B 225 22.91 -7.48 -2.52
C PRO B 225 22.71 -8.51 -1.42
N SER B 226 23.05 -8.14 -0.18
CA SER B 226 22.87 -9.08 0.92
C SER B 226 21.40 -9.17 1.31
N SER B 227 21.06 -10.24 2.02
CA SER B 227 19.69 -10.45 2.47
C SER B 227 19.25 -9.25 3.30
N GLY B 228 20.17 -8.75 4.10
CA GLY B 228 19.86 -7.60 4.94
C GLY B 228 19.38 -6.43 4.13
N MSE B 229 20.17 -6.06 3.11
CA MSE B 229 19.82 -4.94 2.26
C MSE B 229 18.47 -5.20 1.62
O MSE B 229 17.62 -4.32 1.58
CB MSE B 229 20.88 -4.74 1.17
CG MSE B 229 20.72 -3.44 0.39
SE MSE B 229 20.98 -1.87 1.51
CE MSE B 229 19.14 -1.34 1.80
N LEU B 230 18.26 -6.43 1.13
CA LEU B 230 16.99 -6.79 0.53
C LEU B 230 15.86 -6.63 1.55
N GLY B 231 16.09 -7.10 2.79
CA GLY B 231 15.07 -6.99 3.81
C GLY B 231 14.73 -5.54 4.15
N ILE B 232 15.74 -4.68 4.14
CA ILE B 232 15.53 -3.27 4.44
C ILE B 232 14.59 -2.63 3.41
N ILE B 233 14.84 -2.90 2.14
CA ILE B 233 14.02 -2.34 1.08
C ILE B 233 12.60 -2.89 1.19
N ILE B 234 12.48 -4.18 1.45
CA ILE B 234 11.17 -4.79 1.60
C ILE B 234 10.35 -4.13 2.74
N MSE B 235 10.98 -3.84 3.87
CA MSE B 235 10.25 -3.20 4.97
C MSE B 235 9.90 -1.73 4.65
O MSE B 235 8.94 -1.19 5.19
CB MSE B 235 11.05 -3.28 6.27
CG MSE B 235 11.18 -4.69 6.83
SE MSE B 235 9.48 -5.69 6.97
CE MSE B 235 9.02 -5.24 8.80
N MSE B 236 10.67 -1.11 3.77
CA MSE B 236 10.40 0.27 3.41
C MSE B 236 9.12 0.40 2.61
O MSE B 236 8.47 1.45 2.64
CB MSE B 236 11.57 0.86 2.65
CG MSE B 236 12.72 1.26 3.55
SE MSE B 236 14.26 1.89 2.57
CE MSE B 236 13.71 3.73 2.30
N THR B 237 8.73 -0.65 1.90
CA THR B 237 7.50 -0.60 1.12
C THR B 237 6.30 -0.98 1.97
N LEU B 238 6.55 -1.43 3.20
CA LEU B 238 5.47 -1.86 4.07
C LEU B 238 5.24 -1.02 5.34
N CYS B 239 6.23 -0.21 5.70
CA CYS B 239 6.11 0.57 6.92
C CYS B 239 6.24 2.07 6.74
N ASP B 240 5.88 2.80 7.78
CA ASP B 240 5.96 4.25 7.80
C ASP B 240 7.37 4.59 8.22
N GLN B 241 7.91 3.81 9.13
CA GLN B 241 9.26 4.02 9.64
C GLN B 241 9.94 2.66 9.83
N VAL B 242 11.22 2.59 9.50
CA VAL B 242 11.96 1.35 9.62
C VAL B 242 13.20 1.49 10.47
N ASP B 243 13.26 0.72 11.56
CA ASP B 243 14.43 0.72 12.43
C ASP B 243 15.25 -0.52 12.09
N ILE B 244 16.53 -0.29 11.82
CA ILE B 244 17.45 -1.35 11.43
C ILE B 244 18.49 -1.55 12.54
N TYR B 245 18.63 -2.80 12.98
CA TYR B 245 19.56 -3.09 14.05
C TYR B 245 20.79 -3.90 13.70
N GLU B 246 21.94 -3.25 13.86
CA GLU B 246 23.25 -3.83 13.61
C GLU B 246 23.58 -4.14 12.16
N PHE B 247 23.02 -3.37 11.24
CA PHE B 247 23.35 -3.56 9.83
C PHE B 247 24.54 -2.62 9.69
N LEU B 248 24.35 -1.40 10.19
CA LEU B 248 25.41 -0.42 10.22
C LEU B 248 26.07 -0.82 11.53
N PRO B 249 27.21 -1.51 11.46
CA PRO B 249 27.92 -1.98 12.66
C PRO B 249 27.94 -1.00 13.83
N SER B 250 28.11 -1.56 15.02
CA SER B 250 28.15 -0.79 16.25
C SER B 250 29.59 -0.72 16.77
N LYS B 251 29.80 0.11 17.79
CA LYS B 251 31.11 0.25 18.41
C LYS B 251 31.48 -1.13 18.94
N ARG B 252 30.50 -1.78 19.56
CA ARG B 252 30.66 -3.12 20.13
C ARG B 252 31.56 -4.00 19.27
N ASP B 255 32.26 -13.74 18.77
CA ASP B 255 31.36 -14.44 17.85
C ASP B 255 30.88 -13.51 16.74
N VAL B 256 30.74 -14.06 15.53
CA VAL B 256 30.31 -13.27 14.38
C VAL B 256 28.79 -13.13 14.30
N CYS B 257 28.07 -14.15 14.77
CA CYS B 257 26.61 -14.16 14.78
C CYS B 257 26.21 -14.20 16.25
N TYR B 258 25.09 -13.56 16.59
CA TYR B 258 24.66 -13.52 17.98
C TYR B 258 24.31 -14.87 18.57
N TYR B 259 24.00 -15.83 17.71
CA TYR B 259 23.66 -17.17 18.18
C TYR B 259 24.73 -18.19 17.82
N HIS B 260 25.96 -17.71 17.68
CA HIS B 260 27.09 -18.57 17.31
C HIS B 260 27.35 -19.70 18.31
N TYR B 273 29.55 -12.34 0.64
CA TYR B 273 30.29 -12.05 -0.58
C TYR B 273 29.56 -10.99 -1.42
N HIS B 274 28.72 -10.22 -0.73
CA HIS B 274 27.93 -9.15 -1.33
C HIS B 274 28.66 -7.81 -1.17
N PRO B 275 28.22 -6.78 -1.88
CA PRO B 275 28.85 -5.45 -1.79
C PRO B 275 28.41 -4.71 -0.53
N LEU B 276 28.39 -5.42 0.60
CA LEU B 276 27.95 -4.85 1.87
C LEU B 276 28.64 -3.54 2.27
N LEU B 277 29.89 -3.38 1.86
CA LEU B 277 30.60 -2.14 2.15
C LEU B 277 29.86 -0.99 1.48
N PHE B 278 29.35 -1.27 0.28
CA PHE B 278 28.62 -0.26 -0.47
C PHE B 278 27.14 -0.13 -0.06
N GLU B 279 26.57 -1.22 0.45
CA GLU B 279 25.19 -1.22 0.91
C GLU B 279 25.15 -0.40 2.21
N LYS B 280 26.16 -0.58 3.04
CA LYS B 280 26.25 0.14 4.29
C LYS B 280 26.34 1.65 4.06
N ASN B 281 27.17 2.06 3.11
CA ASN B 281 27.34 3.48 2.82
C ASN B 281 26.05 4.12 2.35
N MSE B 282 25.25 3.36 1.60
CA MSE B 282 23.98 3.88 1.12
C MSE B 282 23.03 4.07 2.28
O MSE B 282 22.41 5.14 2.42
CB MSE B 282 23.36 2.95 0.10
CG MSE B 282 21.99 3.40 -0.38
SE MSE B 282 21.38 2.42 -1.93
CE MSE B 282 21.93 3.68 -3.29
N VAL B 283 22.90 3.04 3.11
CA VAL B 283 21.99 3.12 4.24
C VAL B 283 22.44 4.24 5.15
N LYS B 284 23.76 4.32 5.36
CA LYS B 284 24.33 5.36 6.18
C LYS B 284 23.93 6.73 5.62
N HIS B 285 23.99 6.86 4.29
CA HIS B 285 23.63 8.10 3.63
C HIS B 285 22.14 8.42 3.83
N LEU B 286 21.31 7.38 3.91
CA LEU B 286 19.87 7.54 4.10
C LEU B 286 19.45 7.66 5.56
N ASN B 287 20.30 7.20 6.47
CA ASN B 287 19.97 7.21 7.89
C ASN B 287 19.45 8.55 8.37
N GLU B 288 18.38 8.51 9.15
CA GLU B 288 17.78 9.72 9.68
C GLU B 288 18.01 9.81 11.18
N GLY B 289 18.58 8.76 11.76
CA GLY B 289 18.86 8.76 13.19
C GLY B 289 20.17 9.44 13.55
N THR B 290 20.50 9.37 14.83
CA THR B 290 21.72 9.97 15.36
C THR B 290 22.92 9.00 15.22
N ASP B 291 24.12 9.57 15.19
CA ASP B 291 25.32 8.73 15.10
C ASP B 291 25.45 8.01 16.44
N GLU B 292 24.88 8.63 17.47
CA GLU B 292 24.89 8.07 18.81
C GLU B 292 24.23 6.70 18.78
N ASP B 293 23.01 6.66 18.26
CA ASP B 293 22.26 5.40 18.18
C ASP B 293 23.00 4.36 17.36
N ILE B 294 23.73 4.81 16.36
CA ILE B 294 24.49 3.88 15.53
C ILE B 294 25.67 3.40 16.35
N TYR B 295 26.51 4.34 16.75
CA TYR B 295 27.72 4.06 17.53
C TYR B 295 27.46 3.14 18.71
N LEU B 296 26.45 3.50 19.50
CA LEU B 296 26.07 2.73 20.69
C LEU B 296 25.21 1.51 20.43
N PHE B 297 24.21 1.65 19.56
CA PHE B 297 23.29 0.54 19.29
C PHE B 297 23.24 -0.06 17.89
N GLY B 298 24.02 0.50 16.95
CA GLY B 298 23.98 -0.03 15.60
C GLY B 298 22.56 0.08 15.07
N LYS B 299 21.87 1.13 15.53
CA LYS B 299 20.50 1.40 15.16
C LYS B 299 20.39 2.53 14.13
N ALA B 300 19.72 2.25 13.02
CA ALA B 300 19.51 3.24 11.97
C ALA B 300 18.01 3.35 11.71
N THR B 301 17.55 4.55 11.39
CA THR B 301 16.15 4.76 11.13
C THR B 301 15.92 5.30 9.72
N LEU B 302 15.08 4.62 8.95
CA LEU B 302 14.77 5.06 7.59
C LEU B 302 13.27 5.23 7.41
N SER B 303 12.86 6.32 6.78
CA SER B 303 11.45 6.54 6.54
C SER B 303 10.99 5.59 5.45
N GLY B 304 9.78 5.06 5.59
CA GLY B 304 9.24 4.16 4.59
C GLY B 304 8.86 4.99 3.36
N PHE B 305 8.82 4.35 2.19
CA PHE B 305 8.48 5.08 0.97
C PHE B 305 7.13 5.76 1.08
N ARG B 306 6.31 5.29 2.01
CA ARG B 306 4.98 5.85 2.22
C ARG B 306 5.07 7.31 2.67
N ASN B 307 6.12 7.63 3.43
CA ASN B 307 6.31 8.99 3.93
C ASN B 307 7.52 9.65 3.30
N ILE B 308 7.47 9.81 1.99
CA ILE B 308 8.55 10.42 1.23
C ILE B 308 7.94 11.25 0.11
N ARG B 309 8.44 12.47 -0.07
CA ARG B 309 7.95 13.34 -1.13
C ARG B 309 8.78 13.18 -2.39
N CYS B 310 8.10 12.95 -3.52
CA CYS B 310 8.80 12.81 -4.79
C CYS B 310 8.01 13.61 -5.82
C1 NAG C . -23.47 17.48 8.19
C2 NAG C . -24.46 17.88 9.29
C3 NAG C . -24.85 19.33 9.09
C4 NAG C . -23.51 20.17 9.12
C5 NAG C . -22.57 19.72 7.93
C6 NAG C . -21.24 20.53 7.85
C7 NAG C . -25.95 16.18 10.31
C8 NAG C . -27.34 15.59 10.24
N2 NAG C . -25.66 17.00 9.29
O3 NAG C . -25.77 19.63 10.11
O4 NAG C . -23.68 21.55 9.10
O5 NAG C . -22.33 18.30 8.14
O6 NAG C . -20.62 20.62 9.13
O7 NAG C . -25.11 15.94 11.23
C1 NAG D . -13.89 29.86 15.72
C2 NAG D . -13.91 31.18 16.51
C3 NAG D . -13.43 30.89 17.95
C4 NAG D . -14.38 29.81 18.54
C5 NAG D . -14.26 28.50 17.72
C6 NAG D . -15.14 27.36 18.30
C7 NAG D . -13.59 33.36 15.42
C8 NAG D . -12.62 34.53 15.47
N2 NAG D . -13.07 32.20 15.88
O3 NAG D . -13.44 32.13 18.61
O4 NAG D . -14.18 29.55 19.90
O5 NAG D . -14.66 28.85 16.36
O6 NAG D . -16.34 27.21 17.56
O7 NAG D . -14.78 33.43 14.99
C1 NAG E . 6.52 -4.85 -10.95
C2 NAG E . 5.86 -3.97 -12.01
C3 NAG E . 4.36 -4.27 -12.00
C4 NAG E . 4.19 -5.80 -12.29
C5 NAG E . 4.88 -6.65 -11.16
C6 NAG E . 4.73 -8.18 -11.36
C7 NAG E . 7.14 -1.87 -12.36
C8 NAG E . 7.25 -0.40 -11.98
N2 NAG E . 6.12 -2.53 -11.75
O3 NAG E . 3.78 -3.41 -12.96
O4 NAG E . 2.86 -6.22 -12.46
O5 NAG E . 6.28 -6.23 -11.16
O6 NAG E . 5.58 -8.65 -12.42
O7 NAG E . 7.92 -2.46 -13.17
C1 NAG F . 1.04 -19.67 -18.61
C2 NAG F . 0.19 -20.30 -19.74
C3 NAG F . 1.09 -20.50 -20.96
C4 NAG F . 1.67 -19.09 -21.35
C5 NAG F . 2.52 -18.51 -20.17
C6 NAG F . 3.13 -17.12 -20.50
C7 NAG F . -1.72 -21.67 -18.98
C8 NAG F . -2.51 -20.39 -19.17
N2 NAG F . -0.41 -21.58 -19.31
O3 NAG F . 0.30 -21.12 -21.93
O4 NAG F . 2.42 -19.07 -22.53
O5 NAG F . 1.63 -18.44 -19.03
O6 NAG F . 2.24 -16.06 -20.11
O7 NAG F . -2.21 -22.76 -18.56
#